data_4C4B
#
_entry.id   4C4B
#
_cell.length_a   93.264
_cell.length_b   99.170
_cell.length_c   106.199
_cell.angle_alpha   90.00
_cell.angle_beta   90.00
_cell.angle_gamma   90.00
#
_symmetry.space_group_name_H-M   'I 21 21 21'
#
loop_
_entity.id
_entity.type
_entity.pdbx_description
1 polymer 'SUPEROXIDE REDUCTASE'
2 non-polymer 'FE (II) ION'
3 non-polymer 1,2-ETHANEDIOL
4 water water
#
_entity_poly.entity_id   1
_entity_poly.type   'polypeptide(L)'
_entity_poly.pdbx_seq_one_letter_code
;MELFQTADWKKVKHVPVIEVLRAEGGVVEVKVSVGKEIPHPNTTEHHIAWIELVFQPEGSKFPYVVGRAEFAAHGASVDG
PNTSGVYTDPVAVFAFKAEKSGKLTAFSYCNIHGLWMGEATLSLE
;
_entity_poly.pdbx_strand_id   A,B
#
loop_
_chem_comp.id
_chem_comp.type
_chem_comp.name
_chem_comp.formula
EDO non-polymer 1,2-ETHANEDIOL 'C2 H6 O2'
FE2 non-polymer 'FE (II) ION' 'Fe 2'
#
# COMPACT_ATOMS: atom_id res chain seq x y z
N MET A 1 -0.76 -10.68 -40.78
CA MET A 1 -0.09 -11.95 -41.00
C MET A 1 0.50 -12.54 -39.73
N GLU A 2 -0.03 -13.69 -39.29
CA GLU A 2 0.44 -14.34 -38.05
C GLU A 2 1.80 -15.02 -38.20
N LEU A 3 2.46 -14.84 -39.34
CA LEU A 3 3.84 -15.26 -39.44
C LEU A 3 4.64 -14.23 -38.62
N PHE A 4 4.14 -13.00 -38.62
CA PHE A 4 4.81 -11.93 -37.90
C PHE A 4 4.24 -11.71 -36.50
N GLN A 5 5.02 -12.11 -35.49
CA GLN A 5 4.65 -11.88 -34.11
C GLN A 5 4.92 -10.43 -33.73
N THR A 6 4.27 -10.00 -32.65
CA THR A 6 4.48 -8.65 -32.14
C THR A 6 4.19 -8.52 -30.65
N ALA A 7 4.18 -7.28 -30.15
CA ALA A 7 3.87 -7.00 -28.74
C ALA A 7 2.89 -5.85 -28.67
N ASP A 8 1.89 -5.99 -27.79
CA ASP A 8 0.89 -4.94 -27.59
C ASP A 8 1.29 -4.00 -26.45
N TRP A 9 1.54 -2.74 -26.80
CA TRP A 9 1.92 -1.72 -25.83
C TRP A 9 0.84 -1.48 -24.78
N LYS A 10 -0.42 -1.72 -25.15
CA LYS A 10 -1.55 -1.52 -24.27
C LYS A 10 -1.56 -2.53 -23.13
N LYS A 11 -0.98 -3.69 -23.39
CA LYS A 11 -0.85 -4.73 -22.37
C LYS A 11 0.24 -4.32 -21.41
N VAL A 12 1.34 -3.80 -21.97
CA VAL A 12 2.48 -3.37 -21.18
C VAL A 12 2.05 -2.22 -20.28
N LYS A 13 1.16 -1.39 -20.79
CA LYS A 13 0.67 -0.22 -20.08
C LYS A 13 -0.19 -0.62 -18.88
N HIS A 14 -0.75 -1.82 -18.89
CA HIS A 14 -1.69 -2.22 -17.84
C HIS A 14 -1.16 -3.26 -16.86
N VAL A 15 -0.15 -4.01 -17.26
CA VAL A 15 0.26 -5.18 -16.49
C VAL A 15 0.92 -4.78 -15.17
N PRO A 16 0.54 -5.44 -14.07
CA PRO A 16 1.22 -5.08 -12.82
C PRO A 16 2.63 -5.65 -12.76
N VAL A 17 3.62 -4.78 -12.63
CA VAL A 17 5.01 -5.19 -12.66
C VAL A 17 5.52 -5.34 -11.22
N ILE A 18 6.09 -6.50 -10.91
CA ILE A 18 6.56 -6.87 -9.58
C ILE A 18 8.08 -6.71 -9.46
N GLU A 19 8.54 -5.96 -8.47
CA GLU A 19 9.98 -5.82 -8.24
C GLU A 19 10.30 -6.11 -6.78
N VAL A 20 11.16 -7.10 -6.55
CA VAL A 20 11.61 -7.44 -5.22
C VAL A 20 12.71 -6.48 -4.79
N LEU A 21 12.47 -5.71 -3.72
CA LEU A 21 13.45 -4.70 -3.31
C LEU A 21 14.49 -5.27 -2.34
N ARG A 22 14.07 -6.21 -1.50
CA ARG A 22 14.97 -6.94 -0.63
C ARG A 22 14.31 -8.22 -0.13
N ALA A 23 15.12 -9.16 0.35
CA ALA A 23 14.62 -10.46 0.78
C ALA A 23 15.61 -11.19 1.68
N GLU A 24 16.49 -10.44 2.32
CA GLU A 24 17.51 -11.05 3.15
C GLU A 24 16.93 -11.47 4.50
N GLY A 25 17.12 -12.74 4.84
CA GLY A 25 16.73 -13.24 6.15
C GLY A 25 15.22 -13.30 6.34
N GLY A 26 14.49 -13.39 5.24
CA GLY A 26 13.05 -13.49 5.29
C GLY A 26 12.34 -12.18 5.55
N VAL A 27 13.09 -11.08 5.55
CA VAL A 27 12.52 -9.76 5.65
C VAL A 27 12.35 -9.28 4.22
N VAL A 28 11.11 -9.27 3.73
CA VAL A 28 10.89 -9.03 2.31
C VAL A 28 10.16 -7.71 2.05
N GLU A 29 10.58 -7.01 1.00
CA GLU A 29 9.82 -5.89 0.47
C GLU A 29 9.64 -6.04 -1.04
N VAL A 30 8.39 -5.95 -1.47
CA VAL A 30 8.01 -6.11 -2.86
C VAL A 30 7.26 -4.87 -3.36
N LYS A 31 7.73 -4.27 -4.44
CA LYS A 31 7.03 -3.14 -5.05
C LYS A 31 6.19 -3.61 -6.25
N VAL A 32 4.95 -3.16 -6.34
CA VAL A 32 4.14 -3.44 -7.52
C VAL A 32 3.62 -2.15 -8.13
N SER A 33 3.77 -2.02 -9.45
CA SER A 33 3.27 -0.83 -10.13
C SER A 33 2.61 -1.16 -11.46
N VAL A 34 1.77 -0.25 -11.92
CA VAL A 34 1.14 -0.32 -13.23
C VAL A 34 1.51 0.94 -14.01
N GLY A 35 1.95 0.76 -15.24
CA GLY A 35 2.30 1.87 -16.09
C GLY A 35 3.69 2.39 -15.81
N LYS A 36 4.61 1.50 -15.46
CA LYS A 36 6.00 1.87 -15.21
C LYS A 36 6.74 2.26 -16.49
N GLU A 37 6.79 1.35 -17.44
CA GLU A 37 7.48 1.56 -18.72
C GLU A 37 6.66 2.51 -19.59
N ILE A 38 5.35 2.27 -19.63
CA ILE A 38 4.43 3.05 -20.46
C ILE A 38 3.29 3.59 -19.60
N PRO A 39 3.36 4.89 -19.28
CA PRO A 39 2.41 5.54 -18.35
C PRO A 39 0.95 5.23 -18.65
N HIS A 40 0.18 4.88 -17.62
CA HIS A 40 -1.26 4.72 -17.75
C HIS A 40 -1.95 5.99 -17.21
N PRO A 41 -2.99 6.46 -17.91
CA PRO A 41 -3.74 7.66 -17.48
C PRO A 41 -4.20 7.60 -16.03
N ASN A 42 -4.31 8.75 -15.37
CA ASN A 42 -4.98 8.85 -14.08
C ASN A 42 -5.92 10.05 -14.09
N THR A 43 -7.10 9.87 -14.66
CA THR A 43 -8.11 10.92 -14.69
C THR A 43 -9.34 10.42 -13.96
N THR A 44 -10.34 11.30 -13.78
CA THR A 44 -11.58 10.90 -13.13
C THR A 44 -12.30 9.83 -13.97
N GLU A 45 -12.07 9.88 -15.28
CA GLU A 45 -12.76 8.98 -16.19
C GLU A 45 -12.03 7.65 -16.37
N HIS A 46 -10.72 7.64 -16.11
CA HIS A 46 -9.90 6.48 -16.47
C HIS A 46 -8.69 6.34 -15.55
N HIS A 47 -8.68 5.29 -14.75
CA HIS A 47 -7.60 5.07 -13.79
C HIS A 47 -7.51 3.60 -13.34
N ILE A 48 -6.39 3.28 -12.69
CA ILE A 48 -6.16 2.00 -12.04
C ILE A 48 -6.65 2.13 -10.61
N ALA A 49 -7.53 1.24 -10.18
CA ALA A 49 -8.22 1.37 -8.89
C ALA A 49 -7.52 0.71 -7.70
N TRP A 50 -6.83 -0.39 -7.94
CA TRP A 50 -6.13 -1.14 -6.89
C TRP A 50 -5.13 -2.18 -7.41
N ILE A 51 -4.34 -2.73 -6.48
CA ILE A 51 -3.42 -3.81 -6.74
C ILE A 51 -3.46 -4.75 -5.54
N GLU A 52 -3.45 -6.04 -5.81
CA GLU A 52 -3.45 -7.03 -4.75
C GLU A 52 -2.27 -7.97 -4.96
N LEU A 53 -1.62 -8.38 -3.89
CA LEU A 53 -0.46 -9.26 -3.98
C LEU A 53 -0.73 -10.59 -3.29
N VAL A 54 -0.42 -11.67 -4.01
CA VAL A 54 -0.53 -13.05 -3.50
C VAL A 54 0.85 -13.74 -3.47
N PHE A 55 1.10 -14.49 -2.41
CA PHE A 55 2.34 -15.21 -2.26
C PHE A 55 2.03 -16.64 -1.89
N GLN A 56 2.64 -17.57 -2.60
CA GLN A 56 2.53 -18.98 -2.26
C GLN A 56 3.91 -19.57 -2.01
N PRO A 57 4.28 -19.77 -0.74
CA PRO A 57 5.58 -20.36 -0.47
C PRO A 57 5.66 -21.80 -0.95
N GLU A 58 6.86 -22.26 -1.31
CA GLU A 58 7.01 -23.62 -1.79
C GLU A 58 6.75 -24.60 -0.64
N GLY A 59 6.06 -25.69 -0.95
CA GLY A 59 5.67 -26.66 0.06
C GLY A 59 4.32 -26.33 0.69
N SER A 60 3.73 -25.22 0.27
CA SER A 60 2.43 -24.80 0.77
C SER A 60 1.31 -25.12 -0.23
N LYS A 61 0.34 -25.90 0.21
CA LYS A 61 -0.74 -26.33 -0.67
C LYS A 61 -1.59 -25.14 -1.18
N PHE A 62 -1.70 -24.09 -0.37
CA PHE A 62 -2.56 -22.96 -0.71
C PHE A 62 -1.79 -21.65 -0.75
N PRO A 63 -2.29 -20.69 -1.56
CA PRO A 63 -1.70 -19.35 -1.61
C PRO A 63 -2.26 -18.43 -0.52
N TYR A 64 -1.48 -17.43 -0.15
CA TYR A 64 -1.89 -16.44 0.83
C TYR A 64 -1.92 -15.06 0.20
N VAL A 65 -2.97 -14.30 0.49
CA VAL A 65 -2.99 -12.90 0.09
C VAL A 65 -2.03 -12.17 1.03
N VAL A 66 -1.08 -11.43 0.46
CA VAL A 66 -0.20 -10.66 1.31
C VAL A 66 -0.91 -9.38 1.73
N GLY A 67 -1.56 -8.72 0.77
CA GLY A 67 -2.21 -7.44 1.04
C GLY A 67 -2.81 -6.79 -0.19
N ARG A 68 -3.40 -5.61 0.01
CA ARG A 68 -4.11 -4.92 -1.07
C ARG A 68 -4.00 -3.41 -0.90
N ALA A 69 -3.77 -2.72 -2.01
CA ALA A 69 -3.62 -1.27 -1.96
C ALA A 69 -4.64 -0.64 -2.89
N GLU A 70 -5.47 0.25 -2.34
CA GLU A 70 -6.44 1.00 -3.14
C GLU A 70 -5.92 2.39 -3.45
N PHE A 71 -6.16 2.84 -4.66
CA PHE A 71 -5.73 4.15 -5.08
C PHE A 71 -7.00 4.96 -5.27
N ALA A 72 -7.27 5.87 -4.33
CA ALA A 72 -8.63 6.41 -4.19
C ALA A 72 -8.88 7.75 -4.88
N ALA A 73 -7.83 8.53 -5.11
CA ALA A 73 -8.03 9.88 -5.65
C ALA A 73 -7.67 9.97 -7.12
N HIS A 74 -8.55 10.63 -7.89
CA HIS A 74 -8.42 10.71 -9.34
C HIS A 74 -8.89 12.07 -9.86
N GLY A 75 -8.71 13.12 -9.05
CA GLY A 75 -8.92 14.48 -9.50
C GLY A 75 -10.30 15.12 -9.39
N ALA A 76 -11.32 14.36 -8.97
CA ALA A 76 -12.67 14.89 -8.85
C ALA A 76 -12.84 15.78 -7.63
N SER A 77 -13.61 16.85 -7.82
CA SER A 77 -14.01 17.75 -6.74
C SER A 77 -15.36 18.35 -7.13
N VAL A 78 -15.92 19.17 -6.22
CA VAL A 78 -17.18 19.86 -6.46
C VAL A 78 -17.09 20.79 -7.67
N ASP A 79 -15.86 21.05 -8.12
CA ASP A 79 -15.65 21.91 -9.29
C ASP A 79 -15.63 21.15 -10.61
N GLY A 80 -15.81 19.84 -10.57
CA GLY A 80 -15.84 19.01 -11.77
C GLY A 80 -14.74 17.96 -11.88
N PRO A 81 -14.75 17.17 -12.96
CA PRO A 81 -13.70 16.16 -13.16
C PRO A 81 -12.31 16.79 -13.38
N ASN A 82 -11.28 16.14 -12.84
CA ASN A 82 -9.90 16.59 -13.02
C ASN A 82 -9.61 18.04 -12.58
N THR A 83 -10.14 18.41 -11.41
CA THR A 83 -9.93 19.76 -10.87
C THR A 83 -9.38 19.79 -9.45
N SER A 84 -9.36 18.66 -8.78
CA SER A 84 -9.00 18.65 -7.36
C SER A 84 -7.51 18.80 -7.09
N GLY A 85 -6.68 18.51 -8.09
CA GLY A 85 -5.23 18.50 -7.93
C GLY A 85 -4.65 17.28 -7.22
N VAL A 86 -5.50 16.33 -6.86
CA VAL A 86 -5.07 15.16 -6.10
C VAL A 86 -5.24 13.86 -6.89
N TYR A 87 -4.11 13.20 -7.18
CA TYR A 87 -4.12 11.96 -7.97
C TYR A 87 -3.23 10.90 -7.34
N THR A 88 -3.82 9.76 -6.99
CA THR A 88 -3.03 8.68 -6.38
C THR A 88 -2.40 7.80 -7.44
N ASP A 89 -1.08 7.63 -7.36
CA ASP A 89 -0.34 6.84 -8.32
C ASP A 89 -0.48 5.38 -7.97
N PRO A 90 -0.67 4.54 -9.00
CA PRO A 90 -0.82 3.10 -8.78
C PRO A 90 0.54 2.42 -8.54
N VAL A 91 1.08 2.62 -7.34
CA VAL A 91 2.33 1.97 -6.91
C VAL A 91 2.11 1.56 -5.45
N ALA A 92 2.58 0.37 -5.07
CA ALA A 92 2.43 -0.06 -3.69
C ALA A 92 3.66 -0.85 -3.27
N VAL A 93 4.00 -0.75 -1.97
CA VAL A 93 5.05 -1.58 -1.42
C VAL A 93 4.49 -2.50 -0.34
N PHE A 94 4.65 -3.80 -0.53
CA PHE A 94 4.21 -4.74 0.48
C PHE A 94 5.42 -5.24 1.26
N ALA A 95 5.43 -4.98 2.57
CA ALA A 95 6.49 -5.50 3.43
C ALA A 95 5.94 -6.68 4.22
N PHE A 96 6.69 -7.78 4.24
CA PHE A 96 6.24 -8.97 4.96
C PHE A 96 7.37 -9.92 5.33
N LYS A 97 7.14 -10.78 6.32
CA LYS A 97 8.10 -11.82 6.67
C LYS A 97 7.75 -13.09 5.92
N ALA A 98 8.77 -13.83 5.51
CA ALA A 98 8.59 -15.11 4.83
C ALA A 98 9.71 -16.06 5.25
N GLU A 99 9.41 -17.34 5.42
CA GLU A 99 10.44 -18.31 5.80
C GLU A 99 10.95 -19.15 4.62
N LYS A 100 10.26 -19.07 3.49
CA LYS A 100 10.64 -19.86 2.31
C LYS A 100 10.48 -19.07 1.03
N SER A 101 11.20 -19.49 0.00
CA SER A 101 11.02 -18.94 -1.35
C SER A 101 9.68 -19.40 -1.87
N GLY A 102 9.23 -18.81 -2.98
CA GLY A 102 7.97 -19.24 -3.60
C GLY A 102 7.53 -18.31 -4.72
N LYS A 103 6.25 -18.39 -5.07
CA LYS A 103 5.70 -17.65 -6.20
C LYS A 103 4.85 -16.43 -5.83
N LEU A 104 5.14 -15.31 -6.50
CA LEU A 104 4.32 -14.12 -6.33
C LEU A 104 3.38 -13.96 -7.51
N THR A 105 2.14 -13.60 -7.23
CA THR A 105 1.20 -13.27 -8.28
C THR A 105 0.57 -11.95 -7.87
N ALA A 106 0.53 -10.99 -8.78
CA ALA A 106 -0.13 -9.70 -8.53
C ALA A 106 -1.35 -9.51 -9.44
N PHE A 107 -2.38 -8.86 -8.92
CA PHE A 107 -3.58 -8.57 -9.68
C PHE A 107 -3.88 -7.07 -9.60
N SER A 108 -4.38 -6.49 -10.69
CA SER A 108 -4.78 -5.07 -10.69
C SER A 108 -6.04 -4.85 -11.51
N TYR A 109 -6.59 -3.65 -11.40
CA TYR A 109 -7.87 -3.35 -12.06
C TYR A 109 -7.88 -1.94 -12.62
N CYS A 110 -8.23 -1.83 -13.91
CA CYS A 110 -8.52 -0.54 -14.54
C CYS A 110 -10.03 -0.40 -14.62
N ASN A 111 -10.53 0.81 -14.41
CA ASN A 111 -11.98 0.98 -14.35
C ASN A 111 -12.69 0.85 -15.72
N ILE A 112 -11.95 0.84 -16.81
CA ILE A 112 -12.57 0.59 -18.11
C ILE A 112 -11.90 -0.54 -18.91
N HIS A 113 -10.71 -0.97 -18.51
CA HIS A 113 -9.94 -1.95 -19.28
C HIS A 113 -9.77 -3.33 -18.60
N GLY A 114 -10.59 -3.60 -17.60
CA GLY A 114 -10.68 -4.92 -17.01
C GLY A 114 -9.63 -5.30 -15.96
N LEU A 115 -9.50 -6.62 -15.77
CA LEU A 115 -8.64 -7.21 -14.75
C LEU A 115 -7.30 -7.66 -15.30
N TRP A 116 -6.25 -7.55 -14.49
CA TRP A 116 -4.91 -7.85 -14.99
C TRP A 116 -4.15 -8.67 -13.97
N MET A 117 -3.15 -9.39 -14.46
CA MET A 117 -2.40 -10.32 -13.64
C MET A 117 -0.93 -10.32 -14.05
N GLY A 118 -0.04 -10.58 -13.08
CA GLY A 118 1.39 -10.67 -13.32
C GLY A 118 2.04 -11.63 -12.33
N GLU A 119 3.17 -12.21 -12.70
CA GLU A 119 3.83 -13.20 -11.87
C GLU A 119 5.32 -12.96 -11.74
N ALA A 120 5.90 -13.42 -10.64
CA ALA A 120 7.35 -13.42 -10.48
C ALA A 120 7.71 -14.41 -9.39
N THR A 121 9.01 -14.69 -9.28
CA THR A 121 9.52 -15.62 -8.30
C THR A 121 10.17 -14.86 -7.15
N LEU A 122 9.99 -15.37 -5.93
CA LEU A 122 10.69 -14.80 -4.79
C LEU A 122 11.73 -15.79 -4.32
N SER A 123 13.00 -15.46 -4.53
CA SER A 123 14.11 -16.29 -4.03
C SER A 123 14.66 -15.70 -2.74
N LEU A 124 14.47 -16.37 -1.62
CA LEU A 124 15.04 -15.88 -0.38
C LEU A 124 16.54 -16.14 -0.35
N GLU A 125 17.27 -15.35 -1.12
CA GLU A 125 18.72 -15.44 -1.11
C GLU A 125 19.26 -14.18 -0.45
N MET B 1 5.86 13.33 39.54
CA MET B 1 4.84 13.10 38.52
C MET B 1 4.48 14.37 37.77
N GLU B 2 4.30 15.46 38.51
CA GLU B 2 3.91 16.72 37.90
C GLU B 2 5.07 17.33 37.12
N LEU B 3 6.27 17.09 37.63
CA LEU B 3 7.48 17.55 36.98
C LEU B 3 7.90 16.60 35.84
N PHE B 4 7.63 15.31 36.02
CA PHE B 4 8.01 14.31 35.04
C PHE B 4 6.88 13.94 34.06
N GLN B 5 7.03 14.36 32.82
CA GLN B 5 6.10 13.99 31.78
C GLN B 5 6.36 12.54 31.29
N THR B 6 5.34 11.91 30.70
CA THR B 6 5.52 10.57 30.16
C THR B 6 4.56 10.26 29.01
N ALA B 7 4.59 9.01 28.55
CA ALA B 7 3.74 8.56 27.45
C ALA B 7 3.16 7.16 27.69
N ASP B 8 1.96 6.91 27.21
CA ASP B 8 1.36 5.59 27.36
C ASP B 8 1.93 4.67 26.27
N TRP B 9 2.68 3.65 26.66
CA TRP B 9 3.30 2.74 25.71
C TRP B 9 2.25 2.02 24.84
N LYS B 10 1.05 1.85 25.41
CA LYS B 10 -0.05 1.19 24.72
C LYS B 10 -0.59 2.07 23.58
N LYS B 11 -0.49 3.38 23.73
CA LYS B 11 -0.89 4.30 22.67
C LYS B 11 0.18 4.38 21.57
N VAL B 12 1.43 4.48 22.00
CA VAL B 12 2.53 4.68 21.09
C VAL B 12 2.71 3.48 20.14
N LYS B 13 2.48 2.27 20.63
CA LYS B 13 2.61 1.07 19.79
C LYS B 13 1.48 0.97 18.74
N HIS B 14 0.41 1.73 18.90
CA HIS B 14 -0.74 1.63 17.99
C HIS B 14 -0.90 2.83 17.05
N VAL B 15 -0.31 3.96 17.40
CA VAL B 15 -0.59 5.19 16.66
C VAL B 15 0.05 5.13 15.27
N PRO B 16 -0.72 5.46 14.23
CA PRO B 16 -0.17 5.44 12.88
C PRO B 16 0.76 6.64 12.63
N VAL B 17 2.02 6.37 12.35
CA VAL B 17 3.03 7.41 12.22
C VAL B 17 3.27 7.77 10.77
N ILE B 18 3.17 9.06 10.47
CA ILE B 18 3.27 9.57 9.10
C ILE B 18 4.63 10.20 8.83
N GLU B 19 5.30 9.73 7.78
CA GLU B 19 6.58 10.33 7.36
C GLU B 19 6.52 10.73 5.91
N VAL B 20 6.76 11.99 5.64
CA VAL B 20 6.85 12.46 4.27
C VAL B 20 8.23 12.15 3.74
N LEU B 21 8.32 11.32 2.71
CA LEU B 21 9.61 10.89 2.20
C LEU B 21 10.11 11.85 1.13
N ARG B 22 9.17 12.40 0.35
CA ARG B 22 9.49 13.42 -0.63
C ARG B 22 8.24 14.20 -1.03
N ALA B 23 8.45 15.41 -1.57
CA ALA B 23 7.34 16.29 -1.92
C ALA B 23 7.73 17.41 -2.88
N GLU B 24 8.80 17.21 -3.65
CA GLU B 24 9.25 18.25 -4.56
C GLU B 24 8.39 18.28 -5.82
N GLY B 25 7.91 19.46 -6.19
CA GLY B 25 7.19 19.65 -7.44
C GLY B 25 5.83 18.99 -7.42
N GLY B 26 5.28 18.78 -6.23
CA GLY B 26 3.95 18.21 -6.09
C GLY B 26 3.92 16.72 -6.30
N VAL B 27 5.09 16.11 -6.44
CA VAL B 27 5.22 14.66 -6.50
C VAL B 27 5.49 14.17 -5.10
N VAL B 28 4.48 13.57 -4.48
CA VAL B 28 4.55 13.24 -3.06
C VAL B 28 4.56 11.74 -2.77
N GLU B 29 5.41 11.34 -1.80
CA GLU B 29 5.37 9.99 -1.25
C GLU B 29 5.31 10.05 0.28
N VAL B 30 4.31 9.40 0.86
CA VAL B 30 4.09 9.41 2.29
C VAL B 30 4.08 8.00 2.84
N LYS B 31 4.91 7.74 3.85
CA LYS B 31 4.91 6.42 4.50
C LYS B 31 4.16 6.47 5.81
N VAL B 32 3.29 5.49 6.03
CA VAL B 32 2.58 5.35 7.30
C VAL B 32 2.84 3.94 7.83
N SER B 33 3.22 3.87 9.10
CA SER B 33 3.48 2.59 9.75
C SER B 33 2.94 2.57 11.17
N VAL B 34 2.68 1.38 11.68
CA VAL B 34 2.25 1.22 13.07
C VAL B 34 3.22 0.31 13.79
N GLY B 35 3.66 0.73 14.98
CA GLY B 35 4.61 -0.04 15.75
C GLY B 35 6.02 0.22 15.28
N LYS B 36 6.26 1.46 14.86
CA LYS B 36 7.59 1.86 14.42
C LYS B 36 8.50 1.86 15.64
N GLU B 37 8.06 2.57 16.68
CA GLU B 37 8.75 2.75 17.96
C GLU B 37 8.81 1.57 18.91
N ILE B 38 7.62 1.04 19.19
CA ILE B 38 7.41 -0.06 20.11
C ILE B 38 6.59 -1.06 19.32
N PRO B 39 7.24 -2.10 18.76
CA PRO B 39 6.62 -3.07 17.85
C PRO B 39 5.28 -3.59 18.38
N HIS B 40 4.31 -3.66 17.48
CA HIS B 40 3.03 -4.24 17.78
C HIS B 40 3.03 -5.66 17.27
N PRO B 41 2.47 -6.60 18.04
CA PRO B 41 2.39 -8.01 17.64
C PRO B 41 1.80 -8.20 16.23
N ASN B 42 2.18 -9.27 15.54
CA ASN B 42 1.52 -9.69 14.31
C ASN B 42 1.30 -11.20 14.38
N THR B 43 0.25 -11.61 15.08
CA THR B 43 -0.08 -13.02 15.20
C THR B 43 -1.44 -13.28 14.58
N THR B 44 -1.82 -14.55 14.51
CA THR B 44 -3.12 -14.91 13.99
C THR B 44 -4.21 -14.32 14.89
N GLU B 45 -3.89 -14.17 16.17
CA GLU B 45 -4.83 -13.68 17.17
C GLU B 45 -4.84 -12.16 17.32
N HIS B 46 -3.73 -11.51 16.97
CA HIS B 46 -3.57 -10.09 17.29
C HIS B 46 -2.69 -9.38 16.27
N HIS B 47 -3.28 -8.44 15.52
CA HIS B 47 -2.54 -7.75 14.47
C HIS B 47 -3.21 -6.44 14.04
N ILE B 48 -2.47 -5.62 13.30
CA ILE B 48 -2.99 -4.41 12.68
C ILE B 48 -3.43 -4.77 11.27
N ALA B 49 -4.70 -4.51 10.93
CA ALA B 49 -5.29 -5.01 9.68
C ALA B 49 -5.17 -4.06 8.48
N TRP B 50 -5.16 -2.76 8.73
CA TRP B 50 -5.08 -1.80 7.64
C TRP B 50 -4.68 -0.41 8.09
N ILE B 51 -4.40 0.44 7.12
CA ILE B 51 -4.09 1.84 7.31
C ILE B 51 -4.75 2.60 6.20
N GLU B 52 -5.33 3.76 6.54
CA GLU B 52 -5.94 4.63 5.53
C GLU B 52 -5.38 6.04 5.63
N LEU B 53 -5.18 6.67 4.46
CA LEU B 53 -4.61 8.00 4.40
C LEU B 53 -5.57 8.99 3.75
N VAL B 54 -5.74 10.14 4.41
CA VAL B 54 -6.60 11.21 3.95
C VAL B 54 -5.80 12.50 3.75
N PHE B 55 -6.12 13.23 2.71
CA PHE B 55 -5.45 14.48 2.45
C PHE B 55 -6.50 15.54 2.14
N GLN B 56 -6.40 16.67 2.85
CA GLN B 56 -7.23 17.83 2.56
C GLN B 56 -6.31 19.00 2.22
N PRO B 57 -6.23 19.35 0.91
CA PRO B 57 -5.41 20.49 0.53
C PRO B 57 -5.99 21.80 1.04
N GLU B 58 -5.13 22.79 1.25
CA GLU B 58 -5.59 24.06 1.76
C GLU B 58 -6.47 24.73 0.70
N GLY B 59 -7.58 25.32 1.14
CA GLY B 59 -8.54 25.92 0.22
C GLY B 59 -9.60 24.94 -0.27
N SER B 60 -9.49 23.68 0.14
CA SER B 60 -10.46 22.68 -0.25
C SER B 60 -11.47 22.40 0.86
N LYS B 61 -12.74 22.63 0.57
CA LYS B 61 -13.78 22.47 1.58
C LYS B 61 -13.91 21.04 2.12
N PHE B 62 -13.57 20.03 1.30
CA PHE B 62 -13.71 18.64 1.69
C PHE B 62 -12.36 17.94 1.58
N PRO B 63 -12.15 16.88 2.39
CA PRO B 63 -10.95 16.03 2.36
C PRO B 63 -11.05 14.87 1.34
N TYR B 64 -9.92 14.37 0.85
CA TYR B 64 -9.92 13.25 -0.10
C TYR B 64 -9.23 12.03 0.49
N VAL B 65 -9.81 10.86 0.33
CA VAL B 65 -9.08 9.66 0.68
C VAL B 65 -8.02 9.43 -0.39
N VAL B 66 -6.76 9.31 0.03
CA VAL B 66 -5.67 9.03 -0.90
C VAL B 66 -5.63 7.55 -1.28
N GLY B 67 -5.77 6.70 -0.27
CA GLY B 67 -5.69 5.27 -0.48
C GLY B 67 -5.77 4.48 0.81
N ARG B 68 -5.72 3.16 0.67
CA ARG B 68 -5.87 2.26 1.78
C ARG B 68 -5.04 1.00 1.55
N ALA B 69 -4.40 0.52 2.60
CA ALA B 69 -3.58 -0.68 2.51
C ALA B 69 -4.08 -1.70 3.53
N GLU B 70 -4.45 -2.90 3.06
CA GLU B 70 -4.84 -3.99 3.96
C GLU B 70 -3.64 -4.92 4.16
N PHE B 71 -3.48 -5.37 5.39
CA PHE B 71 -2.38 -6.26 5.74
C PHE B 71 -3.00 -7.61 6.07
N ALA B 72 -2.88 -8.54 5.12
CA ALA B 72 -3.77 -9.70 5.06
C ALA B 72 -3.24 -10.99 5.69
N ALA B 73 -1.92 -11.09 5.87
CA ALA B 73 -1.34 -12.34 6.38
C ALA B 73 -0.84 -12.23 7.82
N HIS B 74 -1.18 -13.24 8.63
CA HIS B 74 -0.85 -13.21 10.05
C HIS B 74 -0.51 -14.60 10.55
N GLY B 75 0.05 -15.45 9.67
CA GLY B 75 0.59 -16.73 10.07
C GLY B 75 -0.33 -17.95 10.06
N ALA B 76 -1.60 -17.77 9.73
CA ALA B 76 -2.54 -18.89 9.76
C ALA B 76 -2.29 -19.87 8.62
N SER B 77 -2.42 -21.16 8.90
CA SER B 77 -2.38 -22.19 7.86
C SER B 77 -3.20 -23.39 8.30
N VAL B 78 -3.32 -24.38 7.41
CA VAL B 78 -4.02 -25.62 7.75
C VAL B 78 -3.33 -26.34 8.91
N ASP B 79 -2.09 -25.94 9.22
CA ASP B 79 -1.38 -26.55 10.32
C ASP B 79 -1.63 -25.84 11.65
N GLY B 80 -2.47 -24.81 11.62
CA GLY B 80 -2.82 -24.07 12.82
C GLY B 80 -2.39 -22.62 12.79
N PRO B 81 -2.70 -21.87 13.85
CA PRO B 81 -2.31 -20.47 13.95
C PRO B 81 -0.79 -20.33 14.08
N ASN B 82 -0.26 -19.28 13.47
CA ASN B 82 1.17 -18.99 13.53
C ASN B 82 2.08 -20.09 12.96
N THR B 83 1.70 -20.68 11.82
CA THR B 83 2.50 -21.76 11.25
C THR B 83 2.89 -21.55 9.78
N SER B 84 2.27 -20.59 9.11
CA SER B 84 2.48 -20.41 7.68
C SER B 84 3.82 -19.75 7.34
N GLY B 85 4.40 -19.04 8.30
CA GLY B 85 5.60 -18.27 8.04
C GLY B 85 5.37 -16.95 7.30
N VAL B 86 4.11 -16.59 7.05
CA VAL B 86 3.80 -15.39 6.27
C VAL B 86 3.07 -14.33 7.10
N TYR B 87 3.74 -13.19 7.28
CA TYR B 87 3.22 -12.10 8.09
C TYR B 87 3.43 -10.75 7.41
N THR B 88 2.34 -10.04 7.14
CA THR B 88 2.44 -8.75 6.48
C THR B 88 2.66 -7.64 7.50
N ASP B 89 3.69 -6.84 7.27
CA ASP B 89 4.05 -5.75 8.18
C ASP B 89 3.13 -4.56 7.95
N PRO B 90 2.63 -3.96 9.04
CA PRO B 90 1.73 -2.80 8.84
C PRO B 90 2.53 -1.53 8.49
N VAL B 91 3.01 -1.47 7.25
CA VAL B 91 3.70 -0.31 6.69
C VAL B 91 3.19 -0.13 5.28
N ALA B 92 2.95 1.10 4.89
CA ALA B 92 2.49 1.36 3.55
C ALA B 92 3.11 2.64 3.04
N VAL B 93 3.31 2.70 1.72
CA VAL B 93 3.75 3.91 1.06
C VAL B 93 2.70 4.40 0.06
N PHE B 94 2.19 5.61 0.26
CA PHE B 94 1.24 6.14 -0.69
C PHE B 94 1.93 7.18 -1.56
N ALA B 95 1.96 6.93 -2.87
CA ALA B 95 2.54 7.90 -3.80
C ALA B 95 1.41 8.65 -4.49
N PHE B 96 1.50 9.98 -4.52
CA PHE B 96 0.46 10.77 -5.17
C PHE B 96 0.92 12.14 -5.64
N LYS B 97 0.16 12.74 -6.56
CA LYS B 97 0.40 14.13 -6.98
C LYS B 97 -0.46 15.05 -6.13
N ALA B 98 0.05 16.23 -5.82
CA ALA B 98 -0.72 17.22 -5.11
C ALA B 98 -0.29 18.59 -5.65
N GLU B 99 -1.23 19.51 -5.79
CA GLU B 99 -0.90 20.84 -6.29
C GLU B 99 -0.78 21.87 -5.17
N LYS B 100 -1.19 21.49 -3.97
CA LYS B 100 -1.16 22.41 -2.85
C LYS B 100 -0.76 21.70 -1.55
N SER B 101 -0.27 22.46 -0.59
CA SER B 101 0.02 21.96 0.75
C SER B 101 -1.30 21.67 1.48
N GLY B 102 -1.21 20.99 2.63
CA GLY B 102 -2.42 20.73 3.40
C GLY B 102 -2.25 19.76 4.56
N LYS B 103 -3.36 19.18 5.01
CA LYS B 103 -3.36 18.31 6.17
C LYS B 103 -3.55 16.81 5.87
N LEU B 104 -2.64 16.00 6.40
CA LEU B 104 -2.72 14.57 6.28
C LEU B 104 -3.26 13.98 7.57
N THR B 105 -4.17 13.02 7.43
CA THR B 105 -4.72 12.29 8.55
C THR B 105 -4.65 10.82 8.19
N ALA B 106 -4.07 10.01 9.08
CA ALA B 106 -4.01 8.58 8.85
C ALA B 106 -4.88 7.84 9.86
N PHE B 107 -5.47 6.75 9.43
CA PHE B 107 -6.28 5.92 10.32
C PHE B 107 -5.77 4.46 10.24
N SER B 108 -5.79 3.74 11.37
CA SER B 108 -5.44 2.32 11.38
C SER B 108 -6.36 1.54 12.31
N TYR B 109 -6.30 0.22 12.19
CA TYR B 109 -7.17 -0.64 12.99
C TYR B 109 -6.42 -1.85 13.56
N CYS B 110 -6.54 -2.07 14.87
CA CYS B 110 -6.10 -3.31 15.50
C CYS B 110 -7.33 -4.19 15.71
N ASN B 111 -7.18 -5.50 15.52
CA ASN B 111 -8.34 -6.38 15.60
C ASN B 111 -8.87 -6.57 17.04
N ILE B 112 -8.08 -6.17 18.03
CA ILE B 112 -8.59 -6.25 19.40
C ILE B 112 -8.48 -4.93 20.17
N HIS B 113 -7.72 -3.98 19.65
CA HIS B 113 -7.47 -2.73 20.36
C HIS B 113 -8.08 -1.50 19.70
N GLY B 114 -9.01 -1.73 18.77
CA GLY B 114 -9.86 -0.66 18.24
C GLY B 114 -9.28 0.24 17.17
N LEU B 115 -9.89 1.42 17.02
CA LEU B 115 -9.53 2.37 15.96
C LEU B 115 -8.57 3.46 16.43
N TRP B 116 -7.69 3.89 15.52
CA TRP B 116 -6.62 4.83 15.83
C TRP B 116 -6.42 5.87 14.75
N MET B 117 -5.87 7.03 15.13
CA MET B 117 -5.64 8.08 14.15
C MET B 117 -4.40 8.90 14.45
N GLY B 118 -3.84 9.49 13.40
CA GLY B 118 -2.68 10.34 13.49
C GLY B 118 -2.72 11.43 12.43
N GLU B 119 -2.02 12.54 12.68
CA GLU B 119 -2.04 13.71 11.80
C GLU B 119 -0.66 14.23 11.49
N ALA B 120 -0.51 14.87 10.34
CA ALA B 120 0.72 15.56 9.97
C ALA B 120 0.41 16.60 8.91
N THR B 121 1.36 17.49 8.66
CA THR B 121 1.22 18.55 7.66
C THR B 121 2.04 18.18 6.44
N LEU B 122 1.51 18.50 5.26
CA LEU B 122 2.23 18.34 4.02
C LEU B 122 2.59 19.73 3.50
N SER B 123 3.88 20.04 3.52
CA SER B 123 4.35 21.31 2.98
C SER B 123 4.94 21.09 1.60
N LEU B 124 4.29 21.64 0.58
CA LEU B 124 4.83 21.54 -0.78
C LEU B 124 6.02 22.47 -0.99
N GLU B 125 7.18 21.99 -0.56
CA GLU B 125 8.44 22.70 -0.73
C GLU B 125 9.22 22.01 -1.83
FE FE2 C . -6.86 1.49 -18.74
C1 EDO D . 0.49 -9.27 -29.05
O1 EDO D . 0.34 -9.70 -27.68
C2 EDO D . -0.12 -10.30 -29.99
O2 EDO D . 0.41 -11.62 -29.78
C1 EDO E . -11.23 11.37 -6.28
O1 EDO E . -12.00 12.29 -5.48
C2 EDO E . -11.72 11.22 -7.73
O2 EDO E . -12.83 10.30 -7.85
FE FE2 F . -3.20 -4.19 19.48
C1 EDO G . -3.54 -15.15 7.69
O1 EDO G . -2.77 -15.45 8.85
C2 EDO G . -2.86 -15.79 6.49
O2 EDO G . -3.79 -16.65 5.81
#